data_5ZZY
#
_entry.id   5ZZY
#
_cell.length_a   137.787
_cell.length_b   137.787
_cell.length_c   111.934
_cell.angle_alpha   90.00
_cell.angle_beta   90.00
_cell.angle_gamma   90.00
#
_symmetry.space_group_name_H-M   'I 4 2 2'
#
loop_
_entity.id
_entity.type
_entity.pdbx_description
1 polymer '4-hydroxymandelate oxidase'
2 non-polymer 'FLAVIN MONONUCLEOTIDE'
3 non-polymer '(2S)-2-HYDROXYPROPANOIC ACID'
4 water water
#
_entity_poly.entity_id   1
_entity_poly.type   'polypeptide(L)'
_entity_poly.pdbx_seq_one_letter_code
;MGSSHHHHHHSSGLVPRGSHMTYVSLADLERAARDVLPGEIFDFLAGGSGTEASLVANRTALERVFVIPRMLRDLTDVTT
EIDIFGRRAALPMAVAPVAYQRLFHPEGELAVARAARDAGVPYTICTLSSVSLEEIAAVGGRPWFQLFWLRDEKRSLDLV
RRAEDAGCEAIVFTVDVPWMGRRLRDMRNGFALPEWVTAANFDAGTAAHRRTQGVSAVADHTAREFAPATWESVEAVRAH
TDLPVVLKGILAVEDARRAVDAGAGGIVVSNHGGRQLDGAVPGIEMLGEIVAAVSGGCEVLVDGGIRSGGDVLKATALGA
SAVLVGRPVMWALAAAGQDGVRQLLELLAEEVRDAMGLAGCESVGAARRLNTKLGVV
;
_entity_poly.pdbx_strand_id   A
#
# COMPACT_ATOMS: atom_id res chain seq x y z
N TYR A 23 22.42 -0.94 -4.21
CA TYR A 23 21.13 -1.30 -4.86
C TYR A 23 20.76 -0.21 -5.86
N VAL A 24 20.54 -0.58 -7.11
CA VAL A 24 20.22 0.45 -8.13
C VAL A 24 18.81 0.26 -8.69
N SER A 25 18.15 -0.85 -8.29
CA SER A 25 16.74 -1.12 -8.62
C SER A 25 16.10 -1.92 -7.48
N LEU A 26 14.78 -1.93 -7.45
CA LEU A 26 14.07 -2.69 -6.43
C LEU A 26 14.26 -4.13 -6.63
N ALA A 27 14.51 -4.59 -7.87
CA ALA A 27 14.79 -6.01 -8.12
C ALA A 27 16.08 -6.48 -7.50
N ASP A 28 17.05 -5.59 -7.32
CA ASP A 28 18.27 -6.03 -6.56
C ASP A 28 17.85 -6.46 -5.11
N LEU A 29 16.87 -5.78 -4.54
CA LEU A 29 16.48 -6.17 -3.16
C LEU A 29 15.74 -7.52 -3.14
N GLU A 30 14.91 -7.84 -4.16
CA GLU A 30 14.25 -9.14 -4.17
C GLU A 30 15.27 -10.23 -4.11
N ARG A 31 16.32 -10.09 -4.94
CA ARG A 31 17.37 -11.16 -5.03
C ARG A 31 18.02 -11.32 -3.65
N ALA A 32 18.33 -10.20 -3.02
CA ALA A 32 18.98 -10.24 -1.71
C ALA A 32 18.04 -10.87 -0.67
N ALA A 33 16.73 -10.59 -0.72
CA ALA A 33 15.83 -11.23 0.26
C ALA A 33 15.66 -12.72 0.05
N ARG A 34 15.61 -13.14 -1.20
CA ARG A 34 15.48 -14.54 -1.49
C ARG A 34 16.70 -15.34 -0.97
N ASP A 35 17.87 -14.72 -1.09
CA ASP A 35 19.08 -15.37 -0.53
C ASP A 35 18.98 -15.62 0.95
N VAL A 36 18.44 -14.69 1.72
CA VAL A 36 18.45 -14.77 3.18
C VAL A 36 17.27 -15.44 3.87
N LEU A 37 16.05 -15.31 3.32
CA LEU A 37 14.93 -15.85 4.04
C LEU A 37 14.78 -17.34 3.82
N PRO A 38 14.27 -18.03 4.80
CA PRO A 38 13.85 -19.40 4.64
C PRO A 38 12.81 -19.49 3.52
N GLY A 39 12.85 -20.52 2.71
CA GLY A 39 11.89 -20.71 1.63
C GLY A 39 10.43 -20.50 1.98
N GLU A 40 9.95 -20.99 3.10
CA GLU A 40 8.55 -20.93 3.34
C GLU A 40 8.13 -19.50 3.69
N ILE A 41 9.06 -18.74 4.27
CA ILE A 41 8.75 -17.35 4.60
C ILE A 41 8.81 -16.53 3.33
N PHE A 42 9.81 -16.72 2.46
CA PHE A 42 9.82 -16.08 1.15
C PHE A 42 8.48 -16.38 0.40
N ASP A 43 8.01 -17.62 0.46
CA ASP A 43 6.74 -17.97 -0.21
C ASP A 43 5.55 -17.32 0.42
N PHE A 44 5.48 -17.17 1.75
CA PHE A 44 4.43 -16.43 2.43
C PHE A 44 4.39 -15.00 1.85
N LEU A 45 5.55 -14.40 1.73
CA LEU A 45 5.71 -13.03 1.20
C LEU A 45 5.35 -12.92 -0.27
N ALA A 46 5.93 -13.76 -1.10
CA ALA A 46 5.81 -13.63 -2.57
C ALA A 46 4.48 -14.09 -3.13
N GLY A 47 3.90 -15.07 -2.48
CA GLY A 47 2.78 -15.81 -3.09
C GLY A 47 1.48 -15.01 -3.20
N GLY A 48 0.59 -15.63 -4.02
CA GLY A 48 -0.78 -15.19 -4.18
C GLY A 48 -1.72 -16.34 -3.99
N SER A 49 -3.00 -16.10 -4.26
CA SER A 49 -4.01 -17.13 -4.15
C SER A 49 -4.12 -17.91 -5.44
N GLY A 50 -4.68 -19.12 -5.29
CA GLY A 50 -4.95 -19.91 -6.48
C GLY A 50 -3.81 -20.16 -7.42
N THR A 51 -4.03 -19.94 -8.71
CA THR A 51 -3.02 -20.06 -9.71
C THR A 51 -2.03 -18.87 -9.81
N GLU A 52 -2.28 -17.83 -8.98
CA GLU A 52 -1.50 -16.62 -8.98
C GLU A 52 -1.72 -15.77 -10.21
N ALA A 53 -2.88 -15.96 -10.87
CA ALA A 53 -3.14 -15.13 -12.02
C ALA A 53 -3.22 -13.65 -11.75
N SER A 54 -3.83 -13.29 -10.62
CA SER A 54 -4.00 -11.87 -10.29
C SER A 54 -2.65 -11.28 -9.85
N LEU A 55 -1.83 -12.10 -9.21
CA LEU A 55 -0.49 -11.64 -8.85
C LEU A 55 0.31 -11.28 -10.07
N VAL A 56 0.32 -12.15 -11.08
CA VAL A 56 1.06 -11.89 -12.33
C VAL A 56 0.45 -10.73 -13.09
N ALA A 57 -0.90 -10.67 -13.10
CA ALA A 57 -1.56 -9.59 -13.80
C ALA A 57 -1.27 -8.20 -13.29
N ASN A 58 -1.01 -8.09 -11.98
CA ASN A 58 -0.63 -6.75 -11.44
C ASN A 58 0.60 -6.23 -12.20
N ARG A 59 1.58 -7.09 -12.44
CA ARG A 59 2.75 -6.68 -13.20
C ARG A 59 2.48 -6.48 -14.66
N THR A 60 1.73 -7.38 -15.27
N THR A 60 1.74 -7.37 -15.28
CA THR A 60 1.41 -7.25 -16.68
CA THR A 60 1.51 -7.20 -16.71
C THR A 60 0.70 -5.96 -16.97
C THR A 60 0.66 -5.99 -17.01
N ALA A 61 -0.27 -5.62 -16.14
CA ALA A 61 -1.06 -4.42 -16.32
C ALA A 61 -0.20 -3.17 -16.28
N LEU A 62 0.79 -3.09 -15.40
CA LEU A 62 1.64 -1.94 -15.36
C LEU A 62 2.55 -1.90 -16.55
N GLU A 63 3.04 -3.04 -16.96
CA GLU A 63 3.97 -3.11 -18.09
C GLU A 63 3.35 -2.67 -19.40
N ARG A 64 2.03 -2.75 -19.55
CA ARG A 64 1.42 -2.33 -20.77
C ARG A 64 1.09 -0.87 -20.82
N VAL A 65 1.27 -0.13 -19.72
CA VAL A 65 0.95 1.29 -19.68
C VAL A 65 2.24 2.07 -20.06
N PHE A 66 2.14 2.98 -21.01
CA PHE A 66 3.25 3.85 -21.34
C PHE A 66 2.83 5.27 -21.07
N VAL A 67 3.76 6.11 -20.60
CA VAL A 67 3.50 7.51 -20.35
C VAL A 67 3.84 8.35 -21.55
N ILE A 68 3.08 9.41 -21.82
CA ILE A 68 3.38 10.36 -22.86
C ILE A 68 3.99 11.57 -22.16
N PRO A 69 5.35 11.67 -22.10
CA PRO A 69 5.95 12.76 -21.32
C PRO A 69 5.82 14.13 -21.99
N ARG A 70 5.87 15.19 -21.23
CA ARG A 70 5.90 16.54 -21.69
C ARG A 70 7.34 17.09 -21.58
N MET A 71 7.65 17.99 -22.50
CA MET A 71 9.00 18.56 -22.56
C MET A 71 8.94 20.06 -22.31
N LEU A 72 10.12 20.58 -21.95
CA LEU A 72 10.37 22.02 -22.01
C LEU A 72 9.60 22.81 -20.96
N ARG A 73 9.21 22.12 -19.88
CA ARG A 73 8.57 22.80 -18.72
C ARG A 73 9.61 23.22 -17.70
N ASP A 74 9.20 24.18 -16.87
CA ASP A 74 10.08 24.63 -15.77
C ASP A 74 10.25 23.57 -14.72
N LEU A 75 11.44 23.15 -14.47
CA LEU A 75 11.79 22.14 -13.50
C LEU A 75 12.74 22.76 -12.45
N THR A 76 12.59 24.04 -12.20
CA THR A 76 13.51 24.67 -11.24
C THR A 76 13.35 24.15 -9.85
N ASP A 77 12.13 23.78 -9.47
CA ASP A 77 11.82 23.32 -8.10
C ASP A 77 10.91 22.07 -8.14
N VAL A 78 11.44 20.99 -8.69
CA VAL A 78 10.64 19.75 -8.77
C VAL A 78 10.39 19.32 -7.31
N THR A 79 9.14 19.00 -6.99
CA THR A 79 8.81 18.50 -5.68
C THR A 79 7.98 17.24 -5.85
N THR A 80 8.35 16.21 -5.09
CA THR A 80 7.58 14.97 -5.03
C THR A 80 6.59 14.91 -3.90
N GLU A 81 6.41 15.99 -3.14
CA GLU A 81 5.51 16.02 -1.99
C GLU A 81 4.06 16.05 -2.33
N ILE A 82 3.26 15.47 -1.46
CA ILE A 82 1.82 15.60 -1.54
C ILE A 82 1.25 15.97 -0.17
N ASP A 83 0.04 16.45 -0.14
CA ASP A 83 -0.74 16.53 1.10
C ASP A 83 -1.79 15.50 1.07
N ILE A 84 -1.84 14.69 2.10
CA ILE A 84 -2.83 13.63 2.18
C ILE A 84 -3.26 13.41 3.62
N PHE A 85 -4.57 13.33 3.78
CA PHE A 85 -5.15 13.07 5.17
C PHE A 85 -4.60 14.05 6.17
N GLY A 86 -4.44 15.30 5.71
CA GLY A 86 -3.98 16.43 6.50
C GLY A 86 -2.51 16.53 6.82
N ARG A 87 -1.67 15.74 6.20
CA ARG A 87 -0.24 15.82 6.49
C ARG A 87 0.53 15.82 5.16
N ARG A 88 1.69 16.42 5.18
CA ARG A 88 2.54 16.46 4.03
C ARG A 88 3.29 15.16 4.02
N ALA A 89 3.39 14.48 2.89
CA ALA A 89 4.19 13.29 2.71
C ALA A 89 5.30 13.60 1.69
N ALA A 90 6.48 13.00 1.83
CA ALA A 90 7.63 13.34 1.00
C ALA A 90 7.55 12.83 -0.43
N LEU A 91 6.69 11.81 -0.62
CA LEU A 91 6.50 11.13 -1.91
C LEU A 91 5.03 10.77 -1.97
N PRO A 92 4.49 10.50 -3.17
CA PRO A 92 3.09 10.05 -3.30
C PRO A 92 3.04 8.53 -3.07
N MET A 93 3.47 8.12 -1.89
CA MET A 93 3.66 6.71 -1.56
CA MET A 93 3.59 6.70 -1.55
C MET A 93 3.50 6.51 -0.06
N ALA A 94 2.99 5.34 0.32
CA ALA A 94 2.98 4.93 1.72
C ALA A 94 3.39 3.48 1.74
N VAL A 95 3.88 2.98 2.88
CA VAL A 95 4.16 1.56 3.07
C VAL A 95 2.84 0.81 3.30
N ALA A 96 2.56 -0.20 2.46
CA ALA A 96 1.34 -0.96 2.58
C ALA A 96 1.30 -1.71 3.91
N PRO A 97 0.11 -2.03 4.39
CA PRO A 97 -0.01 -2.94 5.51
C PRO A 97 0.44 -4.33 5.14
N VAL A 98 1.44 -4.89 5.82
CA VAL A 98 1.89 -6.24 5.65
C VAL A 98 1.95 -6.90 7.02
N ALA A 99 1.23 -7.96 7.23
CA ALA A 99 1.19 -8.60 8.58
C ALA A 99 2.55 -9.21 8.93
N TYR A 100 2.79 -9.26 10.27
CA TYR A 100 3.84 -10.17 10.86
C TYR A 100 5.28 -9.89 10.36
N GLN A 101 5.69 -8.61 10.45
CA GLN A 101 6.97 -8.25 9.84
C GLN A 101 8.22 -8.86 10.58
N ARG A 102 8.01 -9.30 11.83
CA ARG A 102 9.09 -10.05 12.47
C ARG A 102 9.41 -11.34 11.77
N LEU A 103 8.56 -11.80 10.84
CA LEU A 103 8.94 -12.91 10.02
C LEU A 103 10.17 -12.64 9.20
N PHE A 104 10.37 -11.39 8.84
CA PHE A 104 11.41 -10.97 7.90
C PHE A 104 12.72 -10.47 8.48
N HIS A 105 12.64 -9.96 9.71
CA HIS A 105 13.80 -9.37 10.39
C HIS A 105 13.40 -9.29 11.82
N PRO A 106 14.37 -9.50 12.76
CA PRO A 106 13.99 -9.39 14.17
C PRO A 106 13.45 -8.07 14.68
N GLU A 107 13.79 -6.95 14.05
CA GLU A 107 13.25 -5.68 14.47
C GLU A 107 11.85 -5.43 13.86
N GLY A 108 11.50 -6.25 12.85
CA GLY A 108 10.14 -6.20 12.28
C GLY A 108 9.68 -4.80 12.02
N GLU A 109 8.46 -4.57 12.47
CA GLU A 109 7.76 -3.31 12.19
C GLU A 109 8.48 -2.07 12.67
N LEU A 110 9.26 -2.21 13.79
CA LEU A 110 9.91 -1.00 14.26
C LEU A 110 10.98 -0.52 13.29
N ALA A 111 11.70 -1.43 12.64
CA ALA A 111 12.70 -1.10 11.62
C ALA A 111 12.06 -0.38 10.42
N VAL A 112 10.92 -0.94 10.01
CA VAL A 112 10.30 -0.34 8.85
C VAL A 112 9.72 1.01 9.21
N ALA A 113 9.04 1.15 10.34
CA ALA A 113 8.44 2.37 10.72
C ALA A 113 9.51 3.51 10.91
N ARG A 114 10.65 3.16 11.50
CA ARG A 114 11.71 4.14 11.67
C ARG A 114 12.22 4.68 10.32
N ALA A 115 12.44 3.77 9.40
CA ALA A 115 12.90 4.14 8.05
C ALA A 115 11.85 5.02 7.32
N ALA A 116 10.58 4.61 7.46
CA ALA A 116 9.52 5.43 6.88
C ALA A 116 9.42 6.78 7.42
N ARG A 117 9.47 6.90 8.77
CA ARG A 117 9.52 8.16 9.42
C ARG A 117 10.65 9.06 8.91
N ASP A 118 11.83 8.47 8.81
CA ASP A 118 13.00 9.29 8.41
C ASP A 118 12.91 9.72 6.95
N ALA A 119 12.19 8.96 6.12
CA ALA A 119 11.98 9.27 4.68
C ALA A 119 10.79 10.16 4.50
N GLY A 120 9.96 10.40 5.50
CA GLY A 120 8.80 11.22 5.35
C GLY A 120 7.64 10.54 4.65
N VAL A 121 7.58 9.25 4.73
CA VAL A 121 6.59 8.38 4.04
CA VAL A 121 6.41 8.62 4.12
C VAL A 121 5.62 7.85 5.12
N PRO A 122 4.30 7.85 4.94
CA PRO A 122 3.44 7.19 5.88
C PRO A 122 3.67 5.70 5.94
N TYR A 123 3.54 5.14 7.14
CA TYR A 123 3.67 3.73 7.41
C TYR A 123 2.32 3.20 7.92
N THR A 124 1.82 2.13 7.35
CA THR A 124 0.55 1.55 7.79
C THR A 124 0.78 0.45 8.81
N ILE A 125 0.39 0.72 10.04
CA ILE A 125 0.46 -0.28 11.11
C ILE A 125 -0.68 -1.31 10.93
N CYS A 126 -0.35 -2.56 10.98
CA CYS A 126 -1.35 -3.64 10.73
C CYS A 126 -2.05 -4.10 11.99
N THR A 127 -3.33 -4.47 11.85
CA THR A 127 -4.06 -5.18 12.93
C THR A 127 -3.26 -6.43 13.31
N LEU A 128 -2.63 -7.15 12.41
CA LEU A 128 -1.79 -8.33 12.64
C LEU A 128 -0.30 -8.01 12.76
N SER A 129 -0.01 -6.88 13.35
CA SER A 129 1.42 -6.50 13.58
C SER A 129 2.04 -7.42 14.66
N SER A 130 3.31 -7.72 14.43
CA SER A 130 4.08 -8.55 15.39
C SER A 130 4.74 -7.72 16.49
N VAL A 131 4.55 -6.44 16.49
CA VAL A 131 4.91 -5.51 17.56
C VAL A 131 3.65 -4.71 17.82
N SER A 132 3.29 -4.34 19.06
CA SER A 132 2.05 -3.65 19.32
C SER A 132 1.94 -2.29 18.63
N LEU A 133 0.70 -1.96 18.26
CA LEU A 133 0.48 -0.72 17.54
C LEU A 133 0.94 0.52 18.31
N GLU A 134 0.85 0.47 19.68
CA GLU A 134 1.33 1.60 20.44
C GLU A 134 2.86 1.73 20.37
N GLU A 135 3.58 0.65 20.40
CA GLU A 135 5.04 0.71 20.22
C GLU A 135 5.41 1.27 18.88
N ILE A 136 4.73 0.79 17.81
CA ILE A 136 5.10 1.29 16.50
C ILE A 136 4.72 2.72 16.37
N ALA A 137 3.57 3.17 16.85
CA ALA A 137 3.18 4.55 16.80
C ALA A 137 4.19 5.49 17.53
N ALA A 138 4.78 4.95 18.63
CA ALA A 138 5.75 5.74 19.40
C ALA A 138 7.02 6.05 18.64
N VAL A 139 7.33 5.33 17.58
CA VAL A 139 8.41 5.67 16.68
C VAL A 139 8.27 7.06 16.11
N GLY A 140 7.02 7.50 15.92
CA GLY A 140 6.75 8.82 15.37
C GLY A 140 6.38 8.71 13.90
N GLY A 141 6.59 9.77 13.17
CA GLY A 141 6.29 9.74 11.71
C GLY A 141 4.85 9.93 11.47
N ARG A 142 4.41 9.38 10.33
CA ARG A 142 3.01 9.52 9.90
C ARG A 142 2.32 8.16 9.97
N PRO A 143 1.99 7.64 11.19
CA PRO A 143 1.47 6.29 11.14
C PRO A 143 -0.05 6.34 10.77
N TRP A 144 -0.39 5.40 9.87
CA TRP A 144 -1.80 5.04 9.65
C TRP A 144 -2.06 3.73 10.31
N PHE A 145 -3.32 3.32 10.50
CA PHE A 145 -3.63 2.03 11.10
C PHE A 145 -4.58 1.20 10.20
N GLN A 146 -4.22 -0.01 9.88
CA GLN A 146 -5.08 -0.88 9.08
C GLN A 146 -5.91 -1.72 9.99
N LEU A 147 -7.21 -1.78 9.67
CA LEU A 147 -8.20 -2.51 10.46
C LEU A 147 -8.73 -3.74 9.75
N PHE A 148 -8.70 -4.92 10.37
CA PHE A 148 -9.54 -6.05 10.03
C PHE A 148 -10.76 -6.08 10.94
N TRP A 149 -11.91 -6.30 10.35
CA TRP A 149 -13.14 -6.52 11.10
C TRP A 149 -13.08 -7.96 11.69
N LEU A 150 -13.42 -7.96 12.93
CA LEU A 150 -13.41 -9.21 13.67
C LEU A 150 -14.78 -9.72 14.06
N ARG A 151 -14.85 -11.05 14.32
CA ARG A 151 -16.09 -11.73 14.77
C ARG A 151 -16.56 -10.96 15.99
N ASP A 152 -15.66 -10.72 16.92
CA ASP A 152 -16.12 -9.83 17.97
C ASP A 152 -15.95 -8.39 17.50
N GLU A 153 -17.06 -7.76 17.07
CA GLU A 153 -17.07 -6.31 16.69
C GLU A 153 -16.35 -5.37 17.64
N LYS A 154 -16.56 -5.59 18.94
CA LYS A 154 -16.05 -4.64 19.94
C LYS A 154 -14.57 -4.64 19.93
N ARG A 155 -13.94 -5.79 19.66
CA ARG A 155 -12.51 -5.83 19.53
C ARG A 155 -12.06 -4.88 18.38
N SER A 156 -12.72 -4.98 17.22
CA SER A 156 -12.35 -4.09 16.11
C SER A 156 -12.53 -2.58 16.46
N LEU A 157 -13.59 -2.20 17.11
CA LEU A 157 -13.83 -0.85 17.44
C LEU A 157 -12.80 -0.31 18.58
N ASP A 158 -12.45 -1.24 19.48
CA ASP A 158 -11.39 -0.96 20.45
C ASP A 158 -10.02 -0.77 19.75
N LEU A 159 -9.72 -1.50 18.67
CA LEU A 159 -8.49 -1.29 17.95
C LEU A 159 -8.53 0.09 17.36
N VAL A 160 -9.67 0.53 16.84
CA VAL A 160 -9.72 1.80 16.24
C VAL A 160 -9.41 2.90 17.29
N ARG A 161 -10.06 2.78 18.46
CA ARG A 161 -9.82 3.79 19.50
C ARG A 161 -8.34 3.75 19.99
N ARG A 162 -7.78 2.56 20.12
CA ARG A 162 -6.36 2.45 20.45
C ARG A 162 -5.49 3.16 19.47
N ALA A 163 -5.76 2.95 18.16
CA ALA A 163 -4.99 3.63 17.15
C ALA A 163 -5.09 5.10 17.22
N GLU A 164 -6.30 5.62 17.34
CA GLU A 164 -6.50 7.04 17.43
C GLU A 164 -5.78 7.63 18.68
N ASP A 165 -5.95 6.95 19.79
CA ASP A 165 -5.29 7.40 21.07
C ASP A 165 -3.78 7.44 20.91
N ALA A 166 -3.20 6.54 20.11
CA ALA A 166 -1.74 6.44 19.90
C ALA A 166 -1.20 7.40 18.86
N GLY A 167 -2.07 8.17 18.21
CA GLY A 167 -1.70 9.16 17.24
C GLY A 167 -1.67 8.73 15.78
N CYS A 168 -2.37 7.62 15.47
CA CYS A 168 -2.50 7.30 14.04
C CYS A 168 -3.36 8.33 13.37
N GLU A 169 -3.14 8.56 12.09
CA GLU A 169 -3.74 9.65 11.36
C GLU A 169 -4.83 9.24 10.37
N ALA A 170 -4.97 7.96 10.13
CA ALA A 170 -6.03 7.46 9.22
C ALA A 170 -6.28 6.05 9.60
N ILE A 171 -7.53 5.56 9.33
CA ILE A 171 -7.89 4.21 9.53
C ILE A 171 -8.06 3.59 8.13
N VAL A 172 -7.25 2.60 7.84
CA VAL A 172 -7.26 1.90 6.51
C VAL A 172 -8.04 0.64 6.79
N PHE A 173 -9.34 0.66 6.41
CA PHE A 173 -10.22 -0.46 6.68
C PHE A 173 -10.10 -1.44 5.48
N THR A 174 -9.57 -2.62 5.68
CA THR A 174 -9.40 -3.63 4.63
C THR A 174 -10.77 -4.26 4.44
N VAL A 175 -11.28 -4.12 3.19
CA VAL A 175 -12.67 -4.58 2.87
C VAL A 175 -12.69 -5.75 1.94
N ASP A 176 -11.53 -6.33 1.59
CA ASP A 176 -11.46 -7.46 0.66
C ASP A 176 -11.17 -8.77 1.24
N VAL A 177 -11.24 -8.87 2.60
CA VAL A 177 -10.86 -10.07 3.35
C VAL A 177 -12.03 -10.47 4.24
N PRO A 178 -13.18 -10.85 3.64
CA PRO A 178 -14.17 -11.54 4.53
C PRO A 178 -13.59 -12.76 5.19
N TRP A 179 -12.66 -13.43 4.52
CA TRP A 179 -11.77 -14.44 5.01
C TRP A 179 -10.56 -14.44 4.15
N MET A 180 -9.46 -15.08 4.57
CA MET A 180 -8.26 -15.17 3.76
C MET A 180 -8.41 -16.05 2.54
N GLY A 181 -7.86 -15.65 1.41
CA GLY A 181 -7.79 -16.45 0.21
C GLY A 181 -7.00 -17.74 0.32
N ARG A 182 -7.08 -18.56 -0.69
CA ARG A 182 -6.43 -19.88 -0.72
C ARG A 182 -5.02 -19.74 -1.22
N ARG A 183 -4.05 -19.77 -0.29
CA ARG A 183 -2.67 -19.52 -0.61
C ARG A 183 -1.97 -20.87 -0.81
N LEU A 184 -1.86 -21.34 -2.02
CA LEU A 184 -1.44 -22.73 -2.25
C LEU A 184 0.00 -22.92 -1.86
N ARG A 185 0.84 -21.89 -1.96
CA ARG A 185 2.24 -22.09 -1.52
C ARG A 185 2.24 -22.42 -0.03
N ASP A 186 1.45 -21.70 0.75
CA ASP A 186 1.43 -21.86 2.19
C ASP A 186 0.86 -23.25 2.54
N MET A 187 -0.17 -23.65 1.82
CA MET A 187 -0.73 -24.99 2.01
C MET A 187 0.29 -26.06 1.70
N ARG A 188 0.99 -25.96 0.58
CA ARG A 188 1.96 -26.95 0.18
C ARG A 188 3.13 -26.99 1.16
N ASN A 189 3.53 -25.83 1.68
CA ASN A 189 4.65 -25.78 2.61
C ASN A 189 4.23 -26.15 4.02
N GLY A 190 2.95 -26.23 4.30
CA GLY A 190 2.49 -26.38 5.68
C GLY A 190 2.91 -25.20 6.56
N PHE A 191 2.84 -23.99 6.00
CA PHE A 191 3.34 -22.81 6.68
C PHE A 191 2.56 -22.46 7.92
N ALA A 192 3.27 -22.15 8.99
CA ALA A 192 2.65 -21.68 10.21
C ALA A 192 3.60 -20.66 10.82
N LEU A 193 3.09 -19.75 11.64
CA LEU A 193 3.97 -18.76 12.28
C LEU A 193 4.93 -19.48 13.24
N PRO A 194 6.19 -19.13 13.22
CA PRO A 194 7.08 -19.56 14.31
C PRO A 194 6.52 -19.14 15.67
N GLU A 195 6.88 -19.88 16.71
CA GLU A 195 6.45 -19.51 18.02
C GLU A 195 6.90 -18.10 18.45
N TRP A 196 7.99 -17.58 17.87
CA TRP A 196 8.54 -16.27 18.22
C TRP A 196 7.80 -15.09 17.50
N VAL A 197 6.80 -15.39 16.69
CA VAL A 197 6.04 -14.32 16.01
C VAL A 197 4.62 -14.45 16.42
N THR A 198 4.05 -13.39 16.99
CA THR A 198 2.66 -13.39 17.36
C THR A 198 1.96 -12.12 16.88
N ALA A 199 0.62 -12.17 16.96
CA ALA A 199 -0.24 -11.01 16.73
C ALA A 199 -0.27 -10.18 18.02
N ALA A 200 0.65 -9.22 18.09
CA ALA A 200 0.92 -8.46 19.30
C ALA A 200 -0.14 -7.54 19.79
N ASN A 201 -1.14 -7.17 18.93
CA ASN A 201 -2.20 -6.39 19.37
C ASN A 201 -3.29 -7.14 20.17
N PHE A 202 -3.15 -8.46 20.25
CA PHE A 202 -4.19 -9.32 20.94
C PHE A 202 -3.68 -9.95 22.25
N GLU A 225 -11.31 -15.80 13.46
CA GLU A 225 -11.50 -14.48 14.02
C GLU A 225 -11.98 -13.36 13.02
N PHE A 226 -11.60 -13.44 11.75
CA PHE A 226 -12.12 -12.49 10.71
C PHE A 226 -13.64 -12.65 10.61
N ALA A 227 -14.36 -11.53 10.45
CA ALA A 227 -15.77 -11.57 10.11
C ALA A 227 -15.91 -10.76 8.86
N PRO A 228 -16.81 -11.14 8.00
CA PRO A 228 -17.09 -10.34 6.87
C PRO A 228 -17.54 -8.94 7.31
N ALA A 229 -16.89 -7.91 6.79
CA ALA A 229 -17.36 -6.54 6.98
C ALA A 229 -18.42 -6.19 5.99
N THR A 230 -19.30 -5.29 6.34
CA THR A 230 -20.31 -4.78 5.47
C THR A 230 -20.30 -3.28 5.52
N TRP A 231 -21.12 -2.64 4.71
CA TRP A 231 -21.32 -1.23 4.76
C TRP A 231 -21.75 -0.67 6.13
N GLU A 232 -22.47 -1.52 6.91
CA GLU A 232 -22.80 -1.15 8.27
CA GLU A 232 -22.80 -1.24 8.30
C GLU A 232 -21.54 -1.08 9.14
N SER A 233 -20.60 -1.95 8.88
CA SER A 233 -19.33 -1.93 9.62
C SER A 233 -18.61 -0.64 9.37
N VAL A 234 -18.55 -0.24 8.11
CA VAL A 234 -17.93 1.05 7.74
C VAL A 234 -18.54 2.22 8.48
N GLU A 235 -19.87 2.23 8.55
CA GLU A 235 -20.56 3.29 9.26
C GLU A 235 -20.22 3.26 10.75
N ALA A 236 -20.11 2.09 11.34
CA ALA A 236 -19.77 1.97 12.77
C ALA A 236 -18.38 2.54 12.99
N VAL A 237 -17.46 2.25 12.08
CA VAL A 237 -16.14 2.82 12.25
C VAL A 237 -16.17 4.30 12.06
N ARG A 238 -16.83 4.81 11.03
CA ARG A 238 -16.95 6.27 10.74
C ARG A 238 -17.52 7.00 11.96
N ALA A 239 -18.51 6.42 12.59
CA ALA A 239 -19.10 7.03 13.80
C ALA A 239 -18.20 7.02 15.02
N HIS A 240 -17.23 6.14 15.12
CA HIS A 240 -16.46 5.90 16.32
C HIS A 240 -15.13 6.73 16.24
N THR A 241 -14.87 7.43 15.14
CA THR A 241 -13.56 8.12 15.02
C THR A 241 -13.73 9.39 14.30
N ASP A 242 -12.80 10.30 14.62
CA ASP A 242 -12.67 11.51 13.87
C ASP A 242 -11.64 11.39 12.73
N LEU A 243 -10.92 10.30 12.66
CA LEU A 243 -9.91 10.16 11.63
C LEU A 243 -10.54 9.83 10.25
N PRO A 244 -9.84 10.18 9.17
CA PRO A 244 -10.33 9.72 7.87
C PRO A 244 -10.30 8.22 7.76
N VAL A 245 -11.38 7.64 7.18
CA VAL A 245 -11.49 6.23 6.93
C VAL A 245 -11.22 5.95 5.47
N VAL A 246 -10.31 5.06 5.22
CA VAL A 246 -9.85 4.72 3.85
C VAL A 246 -10.21 3.27 3.61
N LEU A 247 -11.00 2.99 2.54
CA LEU A 247 -11.42 1.62 2.28
C LEU A 247 -10.42 0.97 1.32
N LYS A 248 -9.75 -0.09 1.75
CA LYS A 248 -8.71 -0.72 0.97
C LYS A 248 -9.23 -2.02 0.39
N GLY A 249 -9.14 -2.14 -0.96
CA GLY A 249 -9.61 -3.34 -1.65
C GLY A 249 -10.80 -3.08 -2.51
N ILE A 250 -11.01 -1.87 -2.94
CA ILE A 250 -12.14 -1.50 -3.86
C ILE A 250 -11.69 -1.73 -5.28
N LEU A 251 -12.53 -2.43 -6.08
CA LEU A 251 -12.27 -2.57 -7.49
C LEU A 251 -13.45 -2.18 -8.42
N ALA A 252 -14.65 -2.32 -7.92
CA ALA A 252 -15.84 -1.96 -8.77
C ALA A 252 -16.10 -0.45 -8.65
N VAL A 253 -16.43 0.15 -9.80
CA VAL A 253 -16.74 1.54 -9.85
C VAL A 253 -17.82 1.92 -8.90
N GLU A 254 -18.90 1.12 -8.86
CA GLU A 254 -19.97 1.47 -7.97
C GLU A 254 -19.65 1.38 -6.49
N ASP A 255 -18.71 0.49 -6.13
CA ASP A 255 -18.23 0.47 -4.77
C ASP A 255 -17.37 1.72 -4.43
N ALA A 256 -16.63 2.23 -5.40
CA ALA A 256 -15.92 3.50 -5.20
C ALA A 256 -16.87 4.62 -4.95
N ARG A 257 -17.92 4.70 -5.82
CA ARG A 257 -18.91 5.75 -5.58
C ARG A 257 -19.60 5.63 -4.24
N ARG A 258 -19.97 4.38 -3.87
CA ARG A 258 -20.61 4.18 -2.60
C ARG A 258 -19.69 4.54 -1.44
N ALA A 259 -18.37 4.28 -1.59
CA ALA A 259 -17.43 4.68 -0.55
C ALA A 259 -17.47 6.17 -0.32
N VAL A 260 -17.55 6.98 -1.37
CA VAL A 260 -17.62 8.39 -1.18
C VAL A 260 -18.92 8.77 -0.45
N ASP A 261 -20.01 8.17 -0.92
CA ASP A 261 -21.33 8.42 -0.28
C ASP A 261 -21.34 8.04 1.16
N ALA A 262 -20.57 7.01 1.54
CA ALA A 262 -20.47 6.50 2.90
C ALA A 262 -19.58 7.36 3.80
N GLY A 263 -18.91 8.36 3.25
CA GLY A 263 -18.08 9.26 4.00
C GLY A 263 -16.63 8.85 4.12
N ALA A 264 -16.22 7.92 3.27
CA ALA A 264 -14.77 7.63 3.23
C ALA A 264 -13.98 8.82 2.81
N GLY A 265 -12.80 8.96 3.43
CA GLY A 265 -11.79 9.91 3.04
C GLY A 265 -10.88 9.50 1.91
N GLY A 266 -10.86 8.20 1.67
CA GLY A 266 -10.06 7.65 0.59
C GLY A 266 -10.45 6.21 0.32
N ILE A 267 -9.95 5.68 -0.79
CA ILE A 267 -10.03 4.28 -1.11
C ILE A 267 -8.67 3.86 -1.63
N VAL A 268 -8.38 2.58 -1.51
CA VAL A 268 -7.24 1.97 -2.18
C VAL A 268 -7.76 0.96 -3.18
N VAL A 269 -7.52 1.27 -4.45
CA VAL A 269 -7.91 0.43 -5.56
C VAL A 269 -6.89 -0.71 -5.65
N SER A 270 -7.31 -1.95 -5.40
CA SER A 270 -6.41 -3.03 -5.01
C SER A 270 -7.04 -4.38 -5.12
N ASN A 271 -6.28 -5.36 -5.57
CA ASN A 271 -6.69 -6.76 -5.48
C ASN A 271 -5.87 -7.50 -4.40
N HIS A 272 -5.37 -6.75 -3.43
CA HIS A 272 -4.68 -7.33 -2.27
C HIS A 272 -3.41 -8.09 -2.73
N GLY A 273 -2.73 -7.54 -3.72
CA GLY A 273 -1.50 -8.18 -4.22
C GLY A 273 -1.66 -9.54 -4.77
N GLY A 274 -2.86 -9.81 -5.31
CA GLY A 274 -3.17 -11.08 -5.85
C GLY A 274 -3.34 -12.21 -4.86
N ARG A 275 -3.55 -11.86 -3.62
CA ARG A 275 -3.66 -12.79 -2.50
C ARG A 275 -5.06 -13.19 -2.10
N GLN A 276 -6.07 -12.54 -2.67
CA GLN A 276 -7.46 -12.75 -2.24
C GLN A 276 -8.20 -13.51 -3.38
N LEU A 277 -9.05 -12.80 -4.14
CA LEU A 277 -9.69 -13.55 -5.28
C LEU A 277 -8.72 -13.78 -6.39
N ASP A 278 -8.43 -15.03 -6.78
CA ASP A 278 -7.62 -15.35 -7.91
C ASP A 278 -8.47 -15.15 -9.18
N GLY A 279 -8.09 -14.23 -10.01
CA GLY A 279 -8.92 -13.77 -11.12
C GLY A 279 -9.51 -12.41 -10.93
N ALA A 280 -9.32 -11.78 -9.77
CA ALA A 280 -9.70 -10.37 -9.62
C ALA A 280 -8.83 -9.48 -10.51
N VAL A 281 -9.49 -8.55 -11.17
CA VAL A 281 -8.84 -7.53 -11.99
C VAL A 281 -7.76 -6.79 -11.19
N PRO A 282 -6.66 -6.44 -11.84
CA PRO A 282 -5.70 -5.55 -11.15
C PRO A 282 -6.30 -4.18 -10.90
N GLY A 283 -5.95 -3.56 -9.78
CA GLY A 283 -6.38 -2.24 -9.49
C GLY A 283 -5.99 -1.21 -10.54
N ILE A 284 -4.77 -1.34 -11.07
CA ILE A 284 -4.32 -0.41 -12.10
CA ILE A 284 -4.31 -0.42 -12.11
C ILE A 284 -5.21 -0.40 -13.34
N GLU A 285 -5.90 -1.51 -13.61
CA GLU A 285 -6.82 -1.57 -14.78
C GLU A 285 -8.17 -0.90 -14.47
N MET A 286 -8.54 -0.74 -13.20
CA MET A 286 -9.77 -0.03 -12.80
C MET A 286 -9.60 1.42 -12.43
N LEU A 287 -8.31 1.82 -12.19
CA LEU A 287 -8.03 3.11 -11.59
C LEU A 287 -8.60 4.28 -12.35
N GLY A 288 -8.38 4.34 -13.68
CA GLY A 288 -8.81 5.53 -14.38
C GLY A 288 -10.32 5.70 -14.35
N GLU A 289 -11.03 4.59 -14.51
CA GLU A 289 -12.47 4.63 -14.41
C GLU A 289 -12.96 5.07 -13.03
N ILE A 290 -12.32 4.58 -11.98
CA ILE A 290 -12.68 4.93 -10.64
C ILE A 290 -12.40 6.39 -10.35
N VAL A 291 -11.25 6.86 -10.79
CA VAL A 291 -10.90 8.30 -10.60
C VAL A 291 -11.95 9.21 -11.22
N ALA A 292 -12.36 8.86 -12.43
CA ALA A 292 -13.40 9.63 -13.10
C ALA A 292 -14.71 9.60 -12.33
N ALA A 293 -15.09 8.43 -11.85
CA ALA A 293 -16.38 8.29 -11.12
C ALA A 293 -16.45 9.01 -9.79
N VAL A 294 -15.36 9.05 -9.04
N VAL A 294 -15.30 9.08 -9.11
CA VAL A 294 -15.44 9.77 -7.76
CA VAL A 294 -15.18 9.63 -7.77
C VAL A 294 -15.29 11.25 -7.93
C VAL A 294 -15.30 11.18 -7.78
N SER A 295 -14.60 11.65 -9.01
N SER A 295 -15.01 11.77 -8.97
CA SER A 295 -14.55 13.06 -9.39
CA SER A 295 -15.05 13.23 -9.18
C SER A 295 -14.25 13.99 -8.23
C SER A 295 -14.37 14.04 -8.06
N GLY A 296 -13.16 13.63 -7.62
CA GLY A 296 -12.54 14.36 -6.55
C GLY A 296 -13.19 14.24 -5.18
N GLY A 297 -14.11 13.33 -4.98
CA GLY A 297 -14.81 13.15 -3.72
C GLY A 297 -14.05 12.48 -2.59
N CYS A 298 -12.97 11.79 -2.92
CA CYS A 298 -12.07 11.20 -1.89
C CYS A 298 -10.73 10.97 -2.59
N GLU A 299 -9.72 10.72 -1.78
CA GLU A 299 -8.38 10.35 -2.30
C GLU A 299 -8.49 8.95 -2.90
N VAL A 300 -7.83 8.72 -4.04
CA VAL A 300 -7.86 7.43 -4.69
C VAL A 300 -6.43 6.93 -4.78
N LEU A 301 -6.10 5.94 -3.94
CA LEU A 301 -4.81 5.30 -3.98
C LEU A 301 -4.89 4.01 -4.78
N VAL A 302 -3.77 3.46 -5.16
CA VAL A 302 -3.67 2.19 -5.87
C VAL A 302 -2.52 1.41 -5.33
N ASP A 303 -2.59 0.09 -5.38
CA ASP A 303 -1.47 -0.77 -5.09
C ASP A 303 -1.45 -2.00 -5.93
N GLY A 304 -0.38 -2.74 -5.86
CA GLY A 304 -0.23 -3.97 -6.57
C GLY A 304 0.84 -3.86 -7.63
N GLY A 305 2.03 -4.39 -7.37
CA GLY A 305 3.06 -4.40 -8.38
C GLY A 305 3.87 -3.17 -8.56
N ILE A 306 3.77 -2.13 -7.74
CA ILE A 306 4.58 -0.95 -7.92
C ILE A 306 6.05 -1.36 -7.59
N ARG A 307 6.93 -1.23 -8.58
CA ARG A 307 8.33 -1.73 -8.41
C ARG A 307 9.37 -0.70 -8.82
N SER A 308 8.98 0.55 -9.06
CA SER A 308 9.89 1.60 -9.44
C SER A 308 9.24 2.93 -9.38
N GLY A 309 10.06 3.98 -9.44
CA GLY A 309 9.53 5.31 -9.54
C GLY A 309 8.77 5.50 -10.85
N GLY A 310 9.16 4.85 -11.94
CA GLY A 310 8.40 4.93 -13.13
C GLY A 310 7.03 4.34 -12.98
N ASP A 311 6.89 3.27 -12.21
CA ASP A 311 5.55 2.72 -11.95
C ASP A 311 4.70 3.70 -11.13
N VAL A 312 5.32 4.41 -10.18
CA VAL A 312 4.62 5.44 -9.41
C VAL A 312 4.10 6.49 -10.38
N LEU A 313 4.93 6.90 -11.34
CA LEU A 313 4.53 7.89 -12.32
C LEU A 313 3.34 7.36 -13.13
N LYS A 314 3.39 6.10 -13.55
CA LYS A 314 2.24 5.54 -14.30
C LYS A 314 0.96 5.63 -13.50
N ALA A 315 1.04 5.24 -12.26
CA ALA A 315 -0.14 5.27 -11.36
C ALA A 315 -0.65 6.67 -11.23
N THR A 316 0.22 7.67 -11.03
CA THR A 316 -0.16 9.06 -10.92
CA THR A 316 -0.27 9.04 -10.91
C THR A 316 -0.85 9.51 -12.24
N ALA A 317 -0.23 9.16 -13.36
CA ALA A 317 -0.76 9.58 -14.68
C ALA A 317 -2.14 9.01 -14.90
N LEU A 318 -2.39 7.83 -14.35
CA LEU A 318 -3.75 7.24 -14.44
C LEU A 318 -4.70 7.86 -13.42
N GLY A 319 -4.26 8.71 -12.55
CA GLY A 319 -5.10 9.48 -11.64
C GLY A 319 -4.94 9.22 -10.15
N ALA A 320 -4.08 8.30 -9.76
CA ALA A 320 -3.88 8.06 -8.33
C ALA A 320 -3.39 9.27 -7.57
N SER A 321 -3.87 9.41 -6.34
CA SER A 321 -3.35 10.39 -5.40
C SER A 321 -1.98 9.92 -4.87
N ALA A 322 -1.81 8.62 -4.69
CA ALA A 322 -0.64 8.03 -4.11
C ALA A 322 -0.68 6.54 -4.34
N VAL A 323 0.42 5.85 -4.08
CA VAL A 323 0.44 4.41 -4.18
C VAL A 323 0.77 3.79 -2.83
N LEU A 324 0.47 2.53 -2.66
CA LEU A 324 1.08 1.74 -1.57
C LEU A 324 2.08 0.80 -2.19
N VAL A 325 3.13 0.49 -1.43
CA VAL A 325 4.16 -0.47 -1.81
C VAL A 325 4.31 -1.52 -0.69
N GLY A 326 4.14 -2.80 -1.03
CA GLY A 326 4.20 -3.87 -0.05
C GLY A 326 5.44 -4.71 -0.13
N ARG A 327 5.44 -5.72 -0.98
CA ARG A 327 6.56 -6.69 -1.04
C ARG A 327 7.95 -6.03 -1.05
N PRO A 328 8.18 -5.00 -1.83
CA PRO A 328 9.58 -4.47 -1.91
C PRO A 328 10.05 -3.98 -0.57
N VAL A 329 9.17 -3.43 0.23
CA VAL A 329 9.57 -2.89 1.57
C VAL A 329 10.04 -4.09 2.39
N MET A 330 9.38 -5.23 2.31
CA MET A 330 9.75 -6.41 3.06
C MET A 330 11.01 -7.00 2.53
N TRP A 331 11.25 -6.95 1.22
CA TRP A 331 12.53 -7.39 0.67
C TRP A 331 13.68 -6.62 1.32
N ALA A 332 13.54 -5.33 1.42
CA ALA A 332 14.59 -4.42 1.93
C ALA A 332 14.78 -4.75 3.44
N LEU A 333 13.71 -4.92 4.17
CA LEU A 333 13.76 -5.29 5.59
C LEU A 333 14.50 -6.60 5.74
N ALA A 334 14.17 -7.61 4.98
CA ALA A 334 14.82 -8.92 5.08
C ALA A 334 16.32 -8.78 4.76
N ALA A 335 16.62 -8.04 3.72
CA ALA A 335 18.02 -7.94 3.25
C ALA A 335 18.89 -7.22 4.25
N ALA A 336 18.42 -6.14 4.84
CA ALA A 336 19.30 -5.25 5.59
C ALA A 336 18.66 -4.45 6.71
N GLY A 337 17.52 -4.90 7.20
CA GLY A 337 16.87 -4.27 8.30
C GLY A 337 16.46 -2.82 8.11
N GLN A 338 16.52 -1.97 9.14
CA GLN A 338 16.19 -0.58 8.98
C GLN A 338 16.96 0.10 7.86
N ASP A 339 18.28 -0.16 7.81
CA ASP A 339 19.11 0.47 6.77
CA ASP A 339 19.09 0.53 6.81
C ASP A 339 18.69 0.07 5.37
N GLY A 340 18.29 -1.17 5.20
CA GLY A 340 17.75 -1.67 3.95
C GLY A 340 16.52 -0.90 3.53
N VAL A 341 15.57 -0.75 4.43
CA VAL A 341 14.38 0.01 4.10
C VAL A 341 14.72 1.42 3.79
N ARG A 342 15.62 2.07 4.53
CA ARG A 342 16.07 3.40 4.22
C ARG A 342 16.63 3.47 2.79
N GLN A 343 17.45 2.53 2.41
CA GLN A 343 18.07 2.55 1.08
C GLN A 343 16.97 2.38 0.00
N LEU A 344 16.02 1.50 0.26
CA LEU A 344 14.92 1.35 -0.69
C LEU A 344 14.15 2.63 -0.83
N LEU A 345 13.81 3.33 0.25
CA LEU A 345 13.06 4.55 0.17
C LEU A 345 13.82 5.68 -0.51
N GLU A 346 15.13 5.74 -0.28
CA GLU A 346 15.99 6.69 -0.97
C GLU A 346 16.01 6.39 -2.49
N LEU A 347 16.12 5.14 -2.83
CA LEU A 347 16.15 4.70 -4.27
C LEU A 347 14.78 5.09 -4.89
N LEU A 348 13.69 4.75 -4.21
CA LEU A 348 12.38 5.14 -4.78
CA LEU A 348 12.40 5.11 -4.76
C LEU A 348 12.23 6.62 -4.91
N ALA A 349 12.66 7.42 -3.94
CA ALA A 349 12.58 8.82 -4.03
C ALA A 349 13.37 9.36 -5.22
N GLU A 350 14.54 8.85 -5.44
CA GLU A 350 15.34 9.24 -6.58
C GLU A 350 14.64 8.86 -7.89
N GLU A 351 14.10 7.68 -7.95
CA GLU A 351 13.45 7.24 -9.22
C GLU A 351 12.17 8.06 -9.47
N VAL A 352 11.42 8.40 -8.42
CA VAL A 352 10.24 9.22 -8.62
C VAL A 352 10.58 10.62 -9.10
N ARG A 353 11.56 11.27 -8.47
N ARG A 353 11.57 11.25 -8.48
CA ARG A 353 12.00 12.55 -8.93
CA ARG A 353 11.98 12.56 -8.92
C ARG A 353 12.50 12.50 -10.39
C ARG A 353 12.51 12.51 -10.38
N ASP A 354 13.32 11.51 -10.68
CA ASP A 354 13.87 11.33 -12.06
C ASP A 354 12.72 11.18 -13.06
N ALA A 355 11.78 10.29 -12.77
CA ALA A 355 10.66 10.05 -13.73
C ALA A 355 9.83 11.27 -13.91
N MET A 356 9.52 11.97 -12.82
CA MET A 356 8.72 13.18 -12.91
C MET A 356 9.34 14.23 -13.76
N GLY A 357 10.62 14.48 -13.55
CA GLY A 357 11.27 15.53 -14.30
C GLY A 357 11.45 15.18 -15.75
N LEU A 358 11.80 13.92 -16.00
CA LEU A 358 11.93 13.48 -17.40
C LEU A 358 10.61 13.58 -18.12
N ALA A 359 9.50 13.48 -17.38
CA ALA A 359 8.16 13.64 -17.96
C ALA A 359 7.59 15.07 -17.92
N GLY A 360 8.38 16.04 -17.48
CA GLY A 360 8.01 17.40 -17.51
C GLY A 360 7.14 17.86 -16.38
N CYS A 361 7.25 17.19 -15.24
CA CYS A 361 6.34 17.45 -14.13
C CYS A 361 7.07 17.99 -12.92
N GLU A 362 6.77 19.19 -12.54
CA GLU A 362 7.42 19.84 -11.39
C GLU A 362 6.69 19.48 -10.10
N SER A 363 5.50 18.90 -10.18
CA SER A 363 4.71 18.52 -9.03
C SER A 363 3.92 17.26 -9.31
N VAL A 364 3.47 16.55 -8.30
CA VAL A 364 2.57 15.40 -8.47
C VAL A 364 1.29 15.80 -9.20
N GLY A 365 0.70 16.95 -8.90
CA GLY A 365 -0.48 17.35 -9.63
C GLY A 365 -0.24 17.38 -11.11
N ALA A 366 0.91 17.90 -11.57
CA ALA A 366 1.20 17.85 -12.97
C ALA A 366 1.32 16.46 -13.53
N ALA A 367 1.92 15.55 -12.75
CA ALA A 367 2.00 14.17 -13.16
C ALA A 367 0.58 13.56 -13.36
N ARG A 368 -0.38 13.96 -12.54
CA ARG A 368 -1.74 13.43 -12.69
C ARG A 368 -2.37 13.90 -13.99
N ARG A 369 -1.91 14.96 -14.60
CA ARG A 369 -2.42 15.44 -15.87
C ARG A 369 -1.73 14.84 -17.11
N LEU A 370 -0.66 14.04 -16.89
CA LEU A 370 -0.09 13.30 -18.00
C LEU A 370 -1.06 12.34 -18.62
N ASN A 371 -0.91 12.14 -19.93
CA ASN A 371 -1.67 11.11 -20.61
C ASN A 371 -0.84 9.85 -20.80
N THR A 372 -1.51 8.74 -21.03
CA THR A 372 -0.91 7.44 -21.18
C THR A 372 -1.40 6.78 -22.45
N LYS A 373 -0.68 5.74 -22.85
CA LYS A 373 -1.11 4.93 -24.04
C LYS A 373 -0.90 3.51 -23.63
N LEU A 374 -1.88 2.63 -23.93
CA LEU A 374 -1.67 1.17 -23.75
C LEU A 374 -0.91 0.63 -24.91
N GLY A 375 0.08 -0.21 -24.63
CA GLY A 375 0.99 -0.74 -25.65
C GLY A 375 0.89 -2.24 -25.53
N VAL A 376 1.82 -2.96 -26.18
CA VAL A 376 1.81 -4.44 -26.19
C VAL A 376 3.08 -4.99 -25.54
N VAL A 377 2.86 -6.10 -24.84
CA VAL A 377 3.79 -6.74 -23.88
C VAL A 377 4.62 -5.76 -22.99
#